data_3ZKK
#
_entry.id   3ZKK
#
_cell.length_a   68.045
_cell.length_b   124.049
_cell.length_c   61.334
_cell.angle_alpha   90.00
_cell.angle_beta   90.00
_cell.angle_gamma   90.00
#
_symmetry.space_group_name_H-M   'P 21 21 2'
#
loop_
_entity.id
_entity.type
_entity.pdbx_description
1 polymer 'XOS BINDING PROTEIN'
2 branched beta-D-xylopyranose-(1-4)-beta-D-xylopyranose-(1-4)-beta-D-xylopyranose-(1-4)-beta-D-xylopyranose
3 non-polymer 3,6,9,12,15,18-HEXAOXAICOSANE-1,20-DIOL
4 water water
#
_entity_poly.entity_id   1
_entity_poly.type   'polypeptide(L)'
_entity_poly.pdbx_seq_one_letter_code
;GSHMASMSACGGSESSSDDKTITFWHNASAGEGRQYWENLAKSFEEANPGTKVEIQAIQNEDFAGKLQTAMQDPASGPDV
FMSLGGAKTKEMIDAGQVMDLTDKISDTVKTDMKTTLSAATFDGKVYGVPVSVEPGGMWYSKDLFKKAGVSDVPATYEEL
LADAKKLKDSGTDAIALGAKDAWPAAHWYYWLVLRECSPEVYDKSVQDHDFSNACWVNAGKKLQELKDLKVFNDGFLTTT
AQQGANSSAGLLANHKAAMELMGAWEPGVLKDLTPDQKPMADLGFFAFPEVAGGEGEPGALMGGVTYFCVNPKASQTSID
FVNYMGEKKNQEDYAKAFSTIPASEPARAVVTDESLKQVIEYLDKAPSMQLWMDTALGTNIGNALNAAVVNMLSGQGSPE
DIVKAMQDAAQKG
;
_entity_poly.pdbx_strand_id   A
#
loop_
_chem_comp.id
_chem_comp.type
_chem_comp.name
_chem_comp.formula
P33 non-polymer 3,6,9,12,15,18-HEXAOXAICOSANE-1,20-DIOL 'C14 H30 O8'
XYP D-saccharide, beta linking beta-D-xylopyranose 'C5 H10 O5'
#
# COMPACT_ATOMS: atom_id res chain seq x y z
N ASP A 18 -4.12 -12.44 -31.54
CA ASP A 18 -4.42 -13.82 -31.18
C ASP A 18 -5.12 -14.00 -29.82
N ASP A 19 -5.61 -15.21 -29.59
CA ASP A 19 -6.50 -15.55 -28.49
C ASP A 19 -5.80 -16.10 -27.24
N LYS A 20 -4.82 -16.97 -27.44
CA LYS A 20 -4.08 -17.54 -26.32
C LYS A 20 -2.91 -16.65 -25.93
N THR A 21 -2.90 -15.45 -26.48
CA THR A 21 -1.93 -14.42 -26.11
C THR A 21 -2.59 -13.38 -25.22
N ILE A 22 -2.03 -13.17 -24.03
CA ILE A 22 -2.60 -12.25 -23.08
C ILE A 22 -1.62 -11.18 -22.61
N THR A 23 -2.07 -9.93 -22.62
CA THR A 23 -1.29 -8.80 -22.13
C THR A 23 -1.44 -8.72 -20.61
N PHE A 24 -0.31 -8.55 -19.93
CA PHE A 24 -0.29 -8.58 -18.47
C PHE A 24 0.51 -7.43 -17.87
N TRP A 25 -0.17 -6.63 -17.06
CA TRP A 25 0.44 -5.45 -16.44
C TRP A 25 0.61 -5.60 -14.93
N HIS A 26 1.84 -5.44 -14.44
CA HIS A 26 2.12 -5.39 -13.01
C HIS A 26 3.02 -4.21 -12.70
N ASN A 27 3.36 -4.05 -11.42
CA ASN A 27 4.14 -2.89 -10.98
C ASN A 27 5.47 -3.26 -10.31
N ALA A 28 5.95 -4.48 -10.55
CA ALA A 28 7.29 -4.87 -10.15
C ALA A 28 8.30 -4.39 -11.22
N SER A 29 8.75 -3.15 -11.05
CA SER A 29 9.61 -2.48 -12.01
C SER A 29 10.96 -3.14 -12.25
N ALA A 30 11.57 -3.67 -11.19
CA ALA A 30 12.94 -4.19 -11.27
C ALA A 30 13.14 -5.40 -10.37
N GLY A 31 14.37 -5.93 -10.39
CA GLY A 31 14.83 -6.97 -9.48
C GLY A 31 14.17 -8.32 -9.59
N GLU A 32 14.21 -9.05 -8.49
CA GLU A 32 13.59 -10.35 -8.35
C GLU A 32 12.08 -10.35 -8.63
N GLY A 33 11.40 -9.30 -8.18
CA GLY A 33 9.97 -9.17 -8.40
C GLY A 33 9.63 -9.18 -9.87
N ARG A 34 10.33 -8.35 -10.63
CA ARG A 34 10.16 -8.34 -12.08
C ARG A 34 10.49 -9.70 -12.70
N GLN A 35 11.55 -10.34 -12.18
CA GLN A 35 11.97 -11.65 -12.66
C GLN A 35 10.94 -12.72 -12.26
N TYR A 36 10.38 -12.58 -11.06
CA TYR A 36 9.39 -13.52 -10.57
C TYR A 36 8.26 -13.69 -11.59
N TRP A 37 7.81 -12.57 -12.16
CA TRP A 37 6.68 -12.61 -13.09
C TRP A 37 7.09 -13.20 -14.42
N GLU A 38 8.33 -12.94 -14.85
CA GLU A 38 8.86 -13.59 -16.05
C GLU A 38 8.76 -15.09 -15.82
N ASN A 39 9.31 -15.53 -14.68
CA ASN A 39 9.32 -16.95 -14.35
C ASN A 39 7.93 -17.56 -14.34
N LEU A 40 6.96 -16.86 -13.74
CA LEU A 40 5.59 -17.35 -13.67
C LEU A 40 4.96 -17.50 -15.05
N ALA A 41 5.13 -16.47 -15.86
CA ALA A 41 4.67 -16.50 -17.23
C ALA A 41 5.25 -17.71 -17.96
N LYS A 42 6.56 -17.91 -17.83
CA LYS A 42 7.26 -19.00 -18.50
C LYS A 42 6.68 -20.36 -18.14
N SER A 43 6.52 -20.61 -16.85
CA SER A 43 6.05 -21.93 -16.42
C SER A 43 4.54 -22.05 -16.55
N PHE A 44 3.88 -20.93 -16.78
CA PHE A 44 2.48 -20.97 -17.13
C PHE A 44 2.38 -21.40 -18.58
N GLU A 45 3.24 -20.83 -19.41
CA GLU A 45 3.28 -21.13 -20.83
C GLU A 45 3.56 -22.61 -21.06
N GLU A 46 4.38 -23.18 -20.19
CA GLU A 46 4.74 -24.58 -20.30
C GLU A 46 3.58 -25.49 -19.91
N ALA A 47 2.79 -25.05 -18.95
CA ALA A 47 1.68 -25.87 -18.45
C ALA A 47 0.42 -25.70 -19.31
N ASN A 48 0.37 -24.64 -20.10
CA ASN A 48 -0.74 -24.41 -21.03
C ASN A 48 -0.18 -24.13 -22.41
N PRO A 49 0.03 -25.19 -23.21
CA PRO A 49 0.73 -25.08 -24.50
C PRO A 49 -0.04 -24.23 -25.51
N GLY A 50 0.69 -23.38 -26.22
CA GLY A 50 0.11 -22.50 -27.22
C GLY A 50 -0.08 -21.09 -26.68
N THR A 51 0.01 -20.95 -25.37
CA THR A 51 -0.25 -19.67 -24.70
C THR A 51 1.03 -18.86 -24.51
N LYS A 52 0.94 -17.57 -24.81
CA LYS A 52 2.06 -16.63 -24.62
C LYS A 52 1.63 -15.40 -23.78
N VAL A 53 2.39 -15.10 -22.72
CA VAL A 53 2.09 -13.96 -21.85
C VAL A 53 3.02 -12.77 -22.13
N GLU A 54 2.49 -11.68 -22.70
CA GLU A 54 3.26 -10.46 -22.94
C GLU A 54 3.18 -9.51 -21.74
N ILE A 55 4.33 -9.18 -21.16
CA ILE A 55 4.38 -8.49 -19.87
C ILE A 55 4.74 -7.00 -20.00
N GLN A 56 4.07 -6.17 -19.20
CA GLN A 56 4.45 -4.77 -19.06
C GLN A 56 4.65 -4.51 -17.58
N ALA A 57 5.87 -4.16 -17.20
CA ALA A 57 6.18 -3.82 -15.83
C ALA A 57 6.21 -2.31 -15.74
N ILE A 58 5.25 -1.76 -15.00
CA ILE A 58 5.00 -0.34 -14.97
C ILE A 58 5.31 0.16 -13.58
N GLN A 59 6.08 1.23 -13.47
CA GLN A 59 6.40 1.79 -12.16
C GLN A 59 5.09 2.31 -11.51
N ASN A 60 5.00 2.18 -10.19
CA ASN A 60 3.73 2.37 -9.49
C ASN A 60 3.06 3.70 -9.77
N GLU A 61 3.83 4.78 -9.75
CA GLU A 61 3.27 6.11 -9.85
C GLU A 61 2.72 6.42 -11.23
N ASP A 62 3.11 5.63 -12.23
CA ASP A 62 2.58 5.79 -13.58
C ASP A 62 1.39 4.87 -13.85
N PHE A 63 1.16 3.91 -12.97
CA PHE A 63 0.27 2.79 -13.26
C PHE A 63 -1.22 3.17 -13.44
N ALA A 64 -1.75 4.01 -12.56
CA ALA A 64 -3.16 4.42 -12.65
C ALA A 64 -3.47 5.11 -13.96
N GLY A 65 -2.62 6.06 -14.32
CA GLY A 65 -2.76 6.80 -15.56
C GLY A 65 -2.79 5.89 -16.77
N LYS A 66 -1.81 5.01 -16.87
CA LYS A 66 -1.73 4.12 -18.03
C LYS A 66 -2.89 3.14 -18.11
N LEU A 67 -3.31 2.64 -16.95
CA LEU A 67 -4.44 1.73 -16.88
C LEU A 67 -5.73 2.41 -17.29
N GLN A 68 -5.92 3.64 -16.84
CA GLN A 68 -7.17 4.32 -17.11
C GLN A 68 -7.24 4.86 -18.53
N THR A 69 -6.10 5.19 -19.12
CA THR A 69 -6.10 5.60 -20.51
C THR A 69 -6.41 4.40 -21.40
N ALA A 70 -5.77 3.28 -21.11
CA ALA A 70 -5.93 2.07 -21.92
C ALA A 70 -7.35 1.50 -21.82
N MET A 71 -7.93 1.56 -20.63
CA MET A 71 -9.21 0.88 -20.38
C MET A 71 -10.44 1.68 -20.82
N GLN A 72 -10.22 2.82 -21.45
CA GLN A 72 -11.29 3.53 -22.12
C GLN A 72 -11.75 2.67 -23.31
N ASP A 73 -10.83 1.85 -23.80
CA ASP A 73 -11.07 0.93 -24.90
C ASP A 73 -10.69 -0.47 -24.43
N PRO A 74 -11.56 -1.12 -23.64
CA PRO A 74 -11.25 -2.45 -23.09
C PRO A 74 -10.71 -3.45 -24.12
N ALA A 75 -11.18 -3.33 -25.37
CA ALA A 75 -10.70 -4.18 -26.46
C ALA A 75 -9.19 -4.05 -26.67
N SER A 76 -8.66 -2.83 -26.55
CA SER A 76 -7.24 -2.57 -26.78
C SER A 76 -6.44 -2.39 -25.48
N GLY A 77 -7.05 -2.72 -24.36
CA GLY A 77 -6.37 -2.65 -23.08
C GLY A 77 -5.81 -4.00 -22.66
N PRO A 78 -5.15 -4.05 -21.49
CA PRO A 78 -4.57 -5.30 -20.99
C PRO A 78 -5.58 -6.34 -20.53
N ASP A 79 -5.27 -7.60 -20.76
CA ASP A 79 -6.13 -8.70 -20.35
C ASP A 79 -6.10 -8.89 -18.83
N VAL A 80 -4.91 -8.81 -18.23
CA VAL A 80 -4.76 -8.99 -16.79
C VAL A 80 -3.95 -7.82 -16.23
N PHE A 81 -4.42 -7.22 -15.14
CA PHE A 81 -3.76 -6.04 -14.58
C PHE A 81 -3.96 -5.90 -13.08
N MET A 82 -2.97 -5.32 -12.42
CA MET A 82 -3.06 -5.05 -11.00
C MET A 82 -4.18 -4.05 -10.78
N SER A 83 -4.95 -4.26 -9.71
CA SER A 83 -6.04 -3.35 -9.40
C SER A 83 -5.56 -2.13 -8.65
N LEU A 84 -6.34 -1.05 -8.74
CA LEU A 84 -6.02 0.17 -8.02
C LEU A 84 -6.54 0.13 -6.58
N GLY A 85 -7.48 -0.76 -6.30
CA GLY A 85 -8.00 -0.96 -4.95
C GLY A 85 -9.26 -0.17 -4.59
N GLY A 86 -10.07 -0.71 -3.69
CA GLY A 86 -11.23 -0.03 -3.10
C GLY A 86 -12.18 0.68 -4.04
N ALA A 87 -12.43 1.95 -3.74
CA ALA A 87 -13.27 2.79 -4.58
C ALA A 87 -12.73 2.93 -5.99
N LYS A 88 -11.42 2.81 -6.14
CA LYS A 88 -10.82 2.96 -7.46
C LYS A 88 -11.09 1.72 -8.32
N THR A 89 -11.06 0.54 -7.72
CA THR A 89 -11.53 -0.66 -8.41
C THR A 89 -13.03 -0.48 -8.72
N LYS A 90 -13.79 -0.08 -7.70
CA LYS A 90 -15.23 0.14 -7.85
C LYS A 90 -15.53 1.07 -9.03
N GLU A 91 -14.78 2.17 -9.14
CA GLU A 91 -14.91 3.07 -10.29
C GLU A 91 -14.71 2.34 -11.64
N MET A 92 -13.82 1.36 -11.69
CA MET A 92 -13.61 0.61 -12.93
C MET A 92 -14.72 -0.41 -13.21
N ILE A 93 -15.15 -1.12 -12.17
CA ILE A 93 -16.31 -1.99 -12.26
C ILE A 93 -17.52 -1.26 -12.84
N ASP A 94 -17.89 -0.11 -12.25
CA ASP A 94 -19.06 0.65 -12.72
C ASP A 94 -18.86 1.24 -14.11
N ALA A 95 -17.66 1.13 -14.64
CA ALA A 95 -17.42 1.55 -16.01
C ALA A 95 -17.42 0.34 -16.92
N GLY A 96 -17.62 -0.84 -16.35
CA GLY A 96 -17.46 -2.08 -17.08
C GLY A 96 -16.05 -2.29 -17.63
N GLN A 97 -15.05 -2.11 -16.76
CA GLN A 97 -13.65 -2.32 -17.14
C GLN A 97 -13.02 -3.46 -16.35
N VAL A 98 -13.83 -4.13 -15.54
CA VAL A 98 -13.38 -5.26 -14.73
C VAL A 98 -14.43 -6.37 -14.74
N MET A 99 -13.99 -7.55 -15.17
CA MET A 99 -14.82 -8.73 -15.31
C MET A 99 -15.17 -9.38 -13.97
N ASP A 100 -16.39 -9.90 -13.87
CA ASP A 100 -16.88 -10.57 -12.67
C ASP A 100 -16.29 -11.97 -12.56
N LEU A 101 -15.58 -12.25 -11.48
CA LEU A 101 -14.84 -13.50 -11.35
C LEU A 101 -15.39 -14.45 -10.29
N THR A 102 -16.60 -14.15 -9.80
CA THR A 102 -17.23 -14.93 -8.74
C THR A 102 -17.28 -16.42 -9.07
N ASP A 103 -17.80 -16.73 -10.26
CA ASP A 103 -17.98 -18.12 -10.68
C ASP A 103 -16.76 -18.65 -11.44
N LYS A 104 -15.66 -17.91 -11.40
CA LYS A 104 -14.48 -18.29 -12.18
C LYS A 104 -13.23 -18.57 -11.35
N ILE A 105 -13.11 -17.94 -10.19
CA ILE A 105 -11.94 -18.20 -9.37
C ILE A 105 -11.93 -19.64 -8.89
N SER A 106 -10.74 -20.23 -8.80
CA SER A 106 -10.62 -21.65 -8.46
C SER A 106 -11.02 -21.94 -7.03
N ASP A 107 -11.14 -23.22 -6.71
CA ASP A 107 -11.43 -23.61 -5.34
C ASP A 107 -10.22 -23.42 -4.44
N THR A 108 -9.03 -23.43 -5.03
CA THR A 108 -7.81 -23.20 -4.26
C THR A 108 -7.76 -21.74 -3.80
N VAL A 109 -8.09 -20.84 -4.69
CA VAL A 109 -8.25 -19.43 -4.34
C VAL A 109 -9.31 -19.22 -3.26
N LYS A 110 -10.52 -19.76 -3.48
CA LYS A 110 -11.63 -19.62 -2.53
C LYS A 110 -11.25 -20.09 -1.13
N THR A 111 -10.51 -21.18 -1.06
CA THR A 111 -10.13 -21.76 0.22
C THR A 111 -8.98 -21.00 0.86
N ASP A 112 -7.95 -20.70 0.06
CA ASP A 112 -6.71 -20.14 0.59
C ASP A 112 -6.71 -18.62 0.79
N MET A 113 -7.49 -17.91 -0.01
CA MET A 113 -7.59 -16.46 0.11
C MET A 113 -8.90 -16.03 0.79
N LYS A 114 -9.39 -16.87 1.70
CA LYS A 114 -10.64 -16.63 2.43
C LYS A 114 -10.67 -15.22 3.01
N THR A 115 -9.68 -14.92 3.85
CA THR A 115 -9.60 -13.65 4.54
C THR A 115 -9.29 -12.43 3.65
N THR A 116 -8.61 -12.64 2.52
CA THR A 116 -8.18 -11.52 1.66
C THR A 116 -9.11 -11.19 0.50
N LEU A 117 -9.93 -12.16 0.09
CA LEU A 117 -10.85 -11.95 -1.03
C LEU A 117 -11.89 -10.84 -0.77
N SER A 118 -12.07 -10.47 0.50
CA SER A 118 -13.06 -9.45 0.85
C SER A 118 -12.68 -8.09 0.26
N ALA A 119 -11.36 -7.84 0.19
CA ALA A 119 -10.83 -6.64 -0.42
C ALA A 119 -11.21 -6.55 -1.89
N ALA A 120 -11.46 -7.70 -2.50
CA ALA A 120 -11.73 -7.77 -3.93
C ALA A 120 -13.21 -7.99 -4.21
N THR A 121 -14.02 -7.97 -3.15
CA THR A 121 -15.44 -8.26 -3.29
C THR A 121 -16.30 -7.00 -3.23
N PHE A 122 -17.09 -6.78 -4.27
CA PHE A 122 -17.97 -5.62 -4.35
C PHE A 122 -19.38 -6.08 -4.70
N ASP A 123 -20.36 -5.69 -3.89
CA ASP A 123 -21.76 -6.11 -4.08
C ASP A 123 -21.85 -7.64 -4.10
N GLY A 124 -21.20 -8.28 -3.14
CA GLY A 124 -21.19 -9.73 -3.10
C GLY A 124 -20.44 -10.44 -4.23
N LYS A 125 -20.00 -9.71 -5.26
CA LYS A 125 -19.25 -10.29 -6.39
C LYS A 125 -17.72 -10.13 -6.27
N VAL A 126 -16.98 -11.18 -6.62
CA VAL A 126 -15.51 -11.19 -6.56
C VAL A 126 -14.84 -10.74 -7.88
N TYR A 127 -13.92 -9.79 -7.80
CA TYR A 127 -13.38 -9.15 -8.99
C TYR A 127 -11.87 -9.31 -9.22
N GLY A 128 -11.20 -10.09 -8.37
CA GLY A 128 -9.77 -10.27 -8.49
C GLY A 128 -9.22 -11.41 -7.66
N VAL A 129 -7.96 -11.76 -7.93
CA VAL A 129 -7.23 -12.77 -7.18
C VAL A 129 -6.10 -12.10 -6.39
N PRO A 130 -6.13 -12.21 -5.05
CA PRO A 130 -5.08 -11.59 -4.23
C PRO A 130 -3.75 -12.32 -4.31
N VAL A 131 -2.65 -11.57 -4.33
CA VAL A 131 -1.32 -12.17 -4.24
C VAL A 131 -0.61 -11.78 -2.94
N SER A 132 -1.00 -10.64 -2.36
CA SER A 132 -0.39 -10.21 -1.11
C SER A 132 -1.32 -9.34 -0.27
N VAL A 133 -1.04 -9.30 1.03
CA VAL A 133 -1.72 -8.41 1.96
C VAL A 133 -0.66 -7.61 2.72
N GLU A 134 -0.86 -6.30 2.78
CA GLU A 134 0.23 -5.43 3.16
C GLU A 134 -0.16 -4.28 4.09
N PRO A 135 -0.27 -4.58 5.40
CA PRO A 135 -0.67 -3.57 6.39
C PRO A 135 0.39 -2.50 6.54
N GLY A 136 0.01 -1.35 7.09
CA GLY A 136 0.92 -0.24 7.22
C GLY A 136 1.44 -0.15 8.64
N GLY A 137 2.50 0.63 8.81
CA GLY A 137 3.07 0.83 10.12
C GLY A 137 4.43 1.48 9.95
N MET A 138 5.22 1.48 11.00
CA MET A 138 6.51 2.16 10.93
C MET A 138 7.64 1.16 10.70
N TRP A 139 8.50 1.48 9.74
CA TRP A 139 9.66 0.66 9.47
C TRP A 139 10.85 1.51 9.84
N TYR A 140 11.77 0.95 10.64
CA TYR A 140 12.83 1.77 11.22
C TYR A 140 14.20 1.09 11.29
N SER A 141 15.25 1.91 11.40
CA SER A 141 16.60 1.42 11.60
C SER A 141 16.85 1.21 13.11
N LYS A 142 16.98 -0.05 13.50
CA LYS A 142 17.26 -0.36 14.90
C LYS A 142 18.61 0.20 15.32
N ASP A 143 19.57 0.20 14.39
CA ASP A 143 20.89 0.80 14.62
C ASP A 143 20.84 2.31 14.84
N LEU A 144 20.05 3.02 14.03
CA LEU A 144 19.94 4.46 14.19
C LEU A 144 19.17 4.79 15.44
N PHE A 145 18.35 3.84 15.89
CA PHE A 145 17.55 4.05 17.10
C PHE A 145 18.42 3.96 18.36
N LYS A 146 19.31 2.98 18.39
CA LYS A 146 20.25 2.83 19.51
C LYS A 146 21.21 4.02 19.58
N LYS A 147 21.74 4.43 18.42
CA LYS A 147 22.64 5.56 18.34
C LYS A 147 22.05 6.85 18.92
N ALA A 148 20.73 7.01 18.83
CA ALA A 148 20.06 8.22 19.31
C ALA A 148 19.52 8.09 20.72
N GLY A 149 19.47 6.86 21.24
CA GLY A 149 19.07 6.64 22.62
C GLY A 149 17.65 6.15 22.81
N VAL A 150 17.08 5.54 21.78
CA VAL A 150 15.73 4.99 21.87
C VAL A 150 15.80 3.48 21.95
N SER A 151 15.52 2.93 23.13
CA SER A 151 15.72 1.51 23.38
C SER A 151 14.44 0.73 23.21
N ASP A 152 13.32 1.43 23.32
CA ASP A 152 11.98 0.85 23.18
C ASP A 152 11.17 1.61 22.12
N VAL A 153 10.35 0.88 21.37
CA VAL A 153 9.52 1.50 20.33
C VAL A 153 8.34 2.25 20.94
N PRO A 154 8.02 3.43 20.39
CA PRO A 154 7.00 4.33 20.97
C PRO A 154 5.56 3.82 20.86
N ALA A 155 4.88 3.71 21.99
CA ALA A 155 3.53 3.21 22.04
C ALA A 155 2.52 4.34 21.86
N THR A 156 2.99 5.57 21.99
CA THR A 156 2.13 6.74 21.82
C THR A 156 2.71 7.74 20.83
N TYR A 157 1.84 8.57 20.28
CA TYR A 157 2.24 9.60 19.33
C TYR A 157 3.28 10.54 19.94
N GLU A 158 2.99 11.07 21.12
CA GLU A 158 3.92 12.00 21.79
C GLU A 158 5.29 11.37 22.05
N GLU A 159 5.33 10.08 22.38
CA GLU A 159 6.60 9.37 22.51
C GLU A 159 7.33 9.35 21.18
N LEU A 160 6.57 9.13 20.11
CA LEU A 160 7.13 9.12 18.76
C LEU A 160 7.75 10.46 18.38
N LEU A 161 7.05 11.56 18.67
CA LEU A 161 7.54 12.91 18.38
C LEU A 161 8.80 13.21 19.21
N ALA A 162 8.84 12.68 20.42
CA ALA A 162 10.01 12.80 21.28
C ALA A 162 11.19 11.99 20.73
N ASP A 163 10.89 10.79 20.25
CA ASP A 163 11.93 9.96 19.65
C ASP A 163 12.48 10.61 18.38
N ALA A 164 11.68 11.44 17.73
CA ALA A 164 12.15 12.17 16.55
C ALA A 164 13.15 13.25 16.93
N LYS A 165 12.92 13.87 18.10
CA LYS A 165 13.81 14.89 18.65
C LYS A 165 15.17 14.28 18.94
N LYS A 166 15.17 13.20 19.75
CA LYS A 166 16.37 12.43 20.04
C LYS A 166 17.13 12.08 18.77
N LEU A 167 16.42 11.53 17.78
CA LEU A 167 17.04 11.14 16.52
C LEU A 167 17.63 12.31 15.77
N LYS A 168 17.00 13.48 15.86
CA LYS A 168 17.52 14.67 15.19
C LYS A 168 18.84 15.13 15.83
N ASP A 169 18.85 15.16 17.16
CA ASP A 169 20.05 15.50 17.93
C ASP A 169 21.26 14.63 17.58
N SER A 170 21.03 13.34 17.35
CA SER A 170 22.12 12.45 16.93
C SER A 170 22.58 12.77 15.52
N GLY A 171 21.97 13.78 14.92
CA GLY A 171 22.40 14.26 13.62
C GLY A 171 21.96 13.37 12.46
N THR A 172 20.82 12.70 12.64
CA THR A 172 20.19 12.02 11.52
C THR A 172 18.76 12.50 11.32
N ASP A 173 18.32 12.47 10.07
CA ASP A 173 16.93 12.70 9.71
C ASP A 173 16.05 11.63 10.35
N ALA A 174 15.18 12.03 11.27
CA ALA A 174 14.30 11.08 11.96
C ALA A 174 13.33 10.35 11.02
N ILE A 175 12.69 11.08 10.12
CA ILE A 175 11.63 10.50 9.28
C ILE A 175 11.91 10.72 7.80
N ALA A 176 11.93 9.64 7.04
CA ALA A 176 12.01 9.78 5.60
C ALA A 176 10.59 9.92 5.08
N LEU A 177 10.39 10.82 4.13
CA LEU A 177 9.08 11.15 3.62
C LEU A 177 9.08 11.37 2.12
N GLY A 178 8.41 10.49 1.38
CA GLY A 178 8.35 10.62 -0.06
C GLY A 178 7.26 11.58 -0.55
N ALA A 179 7.29 12.81 -0.08
CA ALA A 179 6.19 13.76 -0.30
C ALA A 179 5.96 14.12 -1.77
N LYS A 180 6.95 13.86 -2.62
CA LYS A 180 6.76 14.18 -4.03
C LYS A 180 5.70 13.30 -4.64
N ASP A 181 5.51 12.12 -4.08
CA ASP A 181 4.50 11.22 -4.62
C ASP A 181 3.12 11.46 -3.98
N ALA A 182 3.04 12.45 -3.07
CA ALA A 182 1.80 12.85 -2.34
C ALA A 182 1.34 11.84 -1.29
N TRP A 183 0.88 10.67 -1.74
CA TRP A 183 0.42 9.63 -0.82
C TRP A 183 1.31 9.26 0.38
N PRO A 184 2.65 9.18 0.22
CA PRO A 184 3.43 8.78 1.39
C PRO A 184 3.33 9.78 2.54
N ALA A 185 3.22 11.06 2.21
CA ALA A 185 3.00 12.09 3.21
C ALA A 185 1.58 11.94 3.79
N ALA A 186 0.62 11.71 2.91
CA ALA A 186 -0.77 11.53 3.33
C ALA A 186 -0.95 10.39 4.33
N HIS A 187 -0.14 9.34 4.23
CA HIS A 187 -0.29 8.20 5.16
C HIS A 187 -0.21 8.62 6.63
N TRP A 188 0.54 9.68 6.92
CA TRP A 188 0.57 10.23 8.27
C TRP A 188 -0.82 10.75 8.66
N TYR A 189 -1.42 11.50 7.76
CA TYR A 189 -2.78 11.98 7.93
C TYR A 189 -3.77 10.83 8.10
N TYR A 190 -3.75 9.87 7.18
CA TYR A 190 -4.66 8.73 7.25
C TYR A 190 -4.60 8.09 8.63
N TRP A 191 -3.38 7.74 9.07
CA TRP A 191 -3.18 7.04 10.33
C TRP A 191 -3.67 7.85 11.54
N LEU A 192 -3.50 9.17 11.45
CA LEU A 192 -3.95 10.06 12.49
C LEU A 192 -5.47 10.10 12.55
N VAL A 193 -6.12 10.20 11.39
CA VAL A 193 -7.58 10.18 11.34
C VAL A 193 -8.15 8.87 11.89
N LEU A 194 -7.52 7.75 11.53
CA LEU A 194 -7.99 6.44 11.99
C LEU A 194 -7.88 6.28 13.51
N ARG A 195 -6.92 6.98 14.11
CA ARG A 195 -6.71 6.94 15.57
C ARG A 195 -7.59 7.99 16.28
N GLU A 196 -7.84 9.11 15.61
CA GLU A 196 -8.66 10.19 16.16
C GLU A 196 -10.16 9.93 16.03
N CYS A 197 -10.61 9.51 14.85
CA CYS A 197 -12.02 9.27 14.63
C CYS A 197 -12.48 7.96 15.24
N SER A 198 -13.75 7.92 15.62
CA SER A 198 -14.33 6.69 16.15
C SER A 198 -14.58 5.79 14.96
N PRO A 199 -14.57 4.48 15.18
CA PRO A 199 -14.79 3.50 14.11
C PRO A 199 -16.05 3.80 13.32
N GLU A 200 -17.06 4.30 14.00
CA GLU A 200 -18.35 4.57 13.37
C GLU A 200 -18.33 5.87 12.57
N VAL A 201 -17.73 6.92 13.15
CA VAL A 201 -17.53 8.14 12.40
C VAL A 201 -16.59 7.89 11.21
N TYR A 202 -15.50 7.17 11.45
CA TYR A 202 -14.57 6.83 10.37
C TYR A 202 -15.30 6.09 9.24
N ASP A 203 -15.99 5.01 9.59
CA ASP A 203 -16.66 4.15 8.62
C ASP A 203 -17.74 4.88 7.84
N LYS A 204 -18.36 5.86 8.50
CA LYS A 204 -19.47 6.60 7.94
C LYS A 204 -18.93 7.74 7.09
N SER A 205 -17.92 8.42 7.63
CA SER A 205 -17.25 9.49 6.89
C SER A 205 -16.76 8.96 5.53
N VAL A 206 -16.05 7.83 5.57
CA VAL A 206 -15.44 7.27 4.35
C VAL A 206 -16.51 6.88 3.36
N GLN A 207 -17.49 6.14 3.83
CA GLN A 207 -18.56 5.65 2.97
C GLN A 207 -19.52 6.75 2.49
N ASP A 208 -19.75 7.79 3.31
CA ASP A 208 -20.68 8.86 2.93
C ASP A 208 -19.99 10.08 2.31
N HIS A 209 -18.68 10.16 2.45
CA HIS A 209 -17.92 11.32 2.00
C HIS A 209 -18.32 12.54 2.80
N ASP A 210 -18.39 12.31 4.10
CA ASP A 210 -18.76 13.33 5.07
C ASP A 210 -17.54 13.54 5.94
N PHE A 211 -16.97 14.74 5.90
CA PHE A 211 -15.72 15.01 6.59
C PHE A 211 -15.90 16.12 7.62
N SER A 212 -17.11 16.21 8.16
CA SER A 212 -17.50 17.32 9.03
C SER A 212 -17.06 17.16 10.47
N ASN A 213 -16.87 15.91 10.91
CA ASN A 213 -16.47 15.67 12.30
C ASN A 213 -15.15 16.33 12.68
N ALA A 214 -15.03 16.72 13.95
CA ALA A 214 -13.86 17.44 14.42
C ALA A 214 -12.60 16.58 14.40
N CYS A 215 -12.77 15.27 14.31
CA CYS A 215 -11.62 14.36 14.29
C CYS A 215 -10.77 14.53 13.00
N TRP A 216 -11.36 15.09 11.95
CA TRP A 216 -10.68 15.33 10.69
C TRP A 216 -9.75 16.55 10.72
N VAL A 217 -10.14 17.58 11.47
CA VAL A 217 -9.30 18.75 11.63
C VAL A 217 -8.25 18.47 12.71
N ASN A 218 -8.66 17.75 13.74
CA ASN A 218 -7.75 17.41 14.84
C ASN A 218 -6.54 16.63 14.36
N ALA A 219 -6.76 15.72 13.41
CA ALA A 219 -5.71 14.88 12.86
C ALA A 219 -4.65 15.73 12.13
N GLY A 220 -5.12 16.66 11.31
CA GLY A 220 -4.25 17.58 10.60
C GLY A 220 -3.44 18.43 11.56
N LYS A 221 -4.07 18.84 12.65
CA LYS A 221 -3.40 19.59 13.69
C LYS A 221 -2.26 18.76 14.25
N LYS A 222 -2.53 17.49 14.55
CA LYS A 222 -1.49 16.57 14.99
C LYS A 222 -0.40 16.40 13.94
N LEU A 223 -0.75 16.55 12.66
CA LEU A 223 0.26 16.42 11.62
C LEU A 223 1.09 17.68 11.49
N GLN A 224 0.46 18.83 11.76
CA GLN A 224 1.16 20.11 11.67
C GLN A 224 2.19 20.20 12.79
N GLU A 225 1.84 19.62 13.94
CA GLU A 225 2.76 19.50 15.07
C GLU A 225 4.07 18.81 14.63
N LEU A 226 3.93 17.66 13.98
CA LEU A 226 5.08 16.92 13.45
C LEU A 226 5.85 17.75 12.43
N LYS A 227 5.14 18.46 11.57
CA LYS A 227 5.78 19.36 10.61
C LYS A 227 6.65 20.40 11.30
N ASP A 228 6.11 21.02 12.35
CA ASP A 228 6.82 22.10 13.04
C ASP A 228 8.14 21.66 13.67
N LEU A 229 8.24 20.37 14.00
CA LEU A 229 9.46 19.79 14.56
C LEU A 229 10.64 19.77 13.58
N LYS A 230 10.37 19.96 12.29
CA LYS A 230 11.39 19.92 11.25
C LYS A 230 12.27 18.66 11.34
N VAL A 231 11.64 17.50 11.34
CA VAL A 231 12.36 16.24 11.51
C VAL A 231 12.31 15.32 10.29
N PHE A 232 11.90 15.87 9.15
CA PHE A 232 11.91 15.13 7.89
C PHE A 232 13.26 15.29 7.21
N ASN A 233 13.55 14.43 6.23
CA ASN A 233 14.67 14.68 5.35
C ASN A 233 14.41 16.00 4.64
N ASP A 234 15.45 16.78 4.41
CA ASP A 234 15.27 18.15 3.96
C ASP A 234 14.59 18.23 2.60
N GLY A 235 14.95 17.32 1.69
CA GLY A 235 14.35 17.29 0.37
C GLY A 235 13.00 16.58 0.26
N PHE A 236 12.30 16.43 1.37
CA PHE A 236 11.08 15.60 1.37
C PHE A 236 10.09 15.97 0.27
N LEU A 237 9.97 17.25 -0.03
CA LEU A 237 9.08 17.70 -1.08
C LEU A 237 9.43 17.19 -2.45
N THR A 238 10.71 16.94 -2.70
CA THR A 238 11.14 16.42 -4.00
C THR A 238 11.50 14.94 -3.92
N THR A 239 11.36 14.37 -2.72
CA THR A 239 11.64 12.95 -2.52
C THR A 239 10.48 12.06 -2.98
N THR A 240 10.80 11.08 -3.83
CA THR A 240 9.83 10.05 -4.18
C THR A 240 9.88 8.95 -3.14
N ALA A 241 8.95 8.00 -3.24
CA ALA A 241 8.85 6.94 -2.25
C ALA A 241 9.75 5.74 -2.59
N GLN A 242 9.73 5.33 -3.85
CA GLN A 242 10.32 4.05 -4.22
C GLN A 242 11.32 4.13 -5.38
N GLN A 243 11.71 5.33 -5.78
CA GLN A 243 12.60 5.49 -6.93
C GLN A 243 13.97 6.08 -6.61
N GLY A 244 14.96 5.22 -6.62
CA GLY A 244 16.33 5.69 -6.53
C GLY A 244 16.86 5.58 -5.12
N ALA A 245 18.14 5.86 -4.99
CA ALA A 245 18.83 5.76 -3.71
C ALA A 245 18.36 6.87 -2.81
N ASN A 246 17.97 8.00 -3.40
CA ASN A 246 17.54 9.16 -2.61
C ASN A 246 16.02 9.22 -2.39
N SER A 247 15.33 8.19 -2.85
CA SER A 247 13.89 8.01 -2.55
C SER A 247 13.78 7.77 -1.05
N SER A 248 12.58 7.86 -0.49
CA SER A 248 12.44 7.76 0.94
C SER A 248 12.79 6.36 1.49
N ALA A 249 12.44 5.31 0.74
CA ALA A 249 12.86 3.96 1.10
C ALA A 249 14.39 3.87 0.98
N GLY A 250 14.95 4.59 0.01
CA GLY A 250 16.39 4.57 -0.24
C GLY A 250 17.13 5.20 0.93
N LEU A 251 16.56 6.28 1.48
CA LEU A 251 17.18 6.96 2.59
C LEU A 251 17.16 6.08 3.80
N LEU A 252 16.08 5.33 3.97
CA LEU A 252 15.98 4.41 5.10
C LEU A 252 16.91 3.22 4.90
N ALA A 253 16.98 2.73 3.66
CA ALA A 253 17.74 1.53 3.36
C ALA A 253 19.24 1.74 3.59
N ASN A 254 19.69 2.96 3.35
CA ASN A 254 21.11 3.30 3.43
C ASN A 254 21.44 4.07 4.70
N HIS A 255 20.51 4.04 5.64
CA HIS A 255 20.73 4.61 6.96
C HIS A 255 21.00 6.11 6.92
N LYS A 256 20.33 6.82 6.01
CA LYS A 256 20.38 8.28 5.94
C LYS A 256 19.19 8.89 6.68
N ALA A 257 18.16 8.07 6.89
CA ALA A 257 17.01 8.44 7.74
C ALA A 257 16.64 7.25 8.63
N ALA A 258 15.97 7.51 9.75
CA ALA A 258 15.78 6.47 10.76
C ALA A 258 14.45 5.69 10.65
N MET A 259 13.44 6.24 10.00
CA MET A 259 12.16 5.56 9.86
C MET A 259 11.28 6.09 8.72
N GLU A 260 10.33 5.26 8.31
CA GLU A 260 9.36 5.59 7.26
C GLU A 260 7.98 4.97 7.62
N LEU A 261 6.89 5.64 7.27
CA LEU A 261 5.55 5.07 7.45
C LEU A 261 5.00 4.50 6.13
N MET A 262 4.78 3.18 6.09
CA MET A 262 4.57 2.50 4.82
C MET A 262 3.84 1.18 4.96
N GLY A 263 3.35 0.68 3.83
CA GLY A 263 2.82 -0.66 3.71
C GLY A 263 3.87 -1.76 3.81
N ALA A 264 3.39 -2.99 3.97
CA ALA A 264 4.25 -4.13 4.24
C ALA A 264 4.99 -4.65 3.00
N TRP A 265 4.91 -3.89 1.90
CA TRP A 265 5.77 -4.15 0.75
C TRP A 265 7.19 -3.70 1.07
N GLU A 266 7.33 -2.99 2.18
CA GLU A 266 8.55 -2.27 2.55
C GLU A 266 9.89 -3.07 2.55
N PRO A 267 9.93 -4.27 3.18
CA PRO A 267 11.20 -5.02 3.21
C PRO A 267 11.74 -5.34 1.81
N GLY A 268 10.86 -5.76 0.90
CA GLY A 268 11.27 -6.05 -0.46
C GLY A 268 11.79 -4.82 -1.19
N VAL A 269 11.14 -3.69 -0.98
CA VAL A 269 11.56 -2.43 -1.58
C VAL A 269 12.95 -2.03 -1.05
N LEU A 270 13.10 -2.11 0.26
CA LEU A 270 14.35 -1.78 0.92
C LEU A 270 15.47 -2.68 0.44
N LYS A 271 15.14 -3.96 0.28
CA LYS A 271 16.12 -4.96 -0.13
C LYS A 271 16.77 -4.58 -1.45
N ASP A 272 16.00 -3.96 -2.34
CA ASP A 272 16.50 -3.58 -3.67
C ASP A 272 17.22 -2.24 -3.68
N LEU A 273 17.28 -1.57 -2.53
CA LEU A 273 17.95 -0.28 -2.46
C LEU A 273 19.15 -0.21 -1.48
N THR A 274 19.48 -1.32 -0.86
CA THR A 274 20.67 -1.37 -0.01
C THR A 274 21.88 -1.60 -0.92
N PRO A 275 23.09 -1.18 -0.47
CA PRO A 275 24.36 -1.37 -1.16
C PRO A 275 24.53 -2.74 -1.87
N ASP A 276 24.17 -3.81 -1.18
CA ASP A 276 24.39 -5.15 -1.71
C ASP A 276 23.13 -5.81 -2.25
N GLN A 277 22.02 -5.08 -2.21
CA GLN A 277 20.73 -5.60 -2.68
C GLN A 277 20.35 -6.85 -1.90
N LYS A 278 20.60 -6.76 -0.60
CA LYS A 278 20.28 -7.80 0.36
C LYS A 278 19.39 -7.11 1.38
N PRO A 279 18.59 -7.89 2.13
CA PRO A 279 17.66 -7.30 3.08
C PRO A 279 18.34 -6.34 4.07
N MET A 280 17.60 -5.32 4.48
CA MET A 280 18.11 -4.37 5.44
C MET A 280 18.37 -5.06 6.78
N ALA A 281 19.65 -5.27 7.07
CA ALA A 281 20.12 -5.97 8.27
C ALA A 281 19.39 -5.63 9.59
N ASP A 282 19.16 -4.35 9.84
CA ASP A 282 18.63 -3.94 11.15
C ASP A 282 17.19 -3.45 11.08
N LEU A 283 16.42 -3.98 10.15
CA LEU A 283 15.07 -3.49 9.93
C LEU A 283 14.14 -3.89 11.06
N GLY A 284 13.39 -2.92 11.57
CA GLY A 284 12.37 -3.20 12.56
C GLY A 284 11.01 -2.64 12.19
N PHE A 285 9.97 -3.21 12.77
CA PHE A 285 8.63 -2.69 12.58
C PHE A 285 8.00 -2.34 13.92
N PHE A 286 7.10 -1.35 13.90
CA PHE A 286 6.21 -1.10 15.02
C PHE A 286 4.92 -0.41 14.57
N ALA A 287 3.80 -0.80 15.16
CA ALA A 287 2.49 -0.29 14.77
C ALA A 287 2.45 1.22 14.91
N PHE A 288 1.64 1.88 14.10
CA PHE A 288 1.42 3.30 14.32
C PHE A 288 0.90 3.46 15.74
N PRO A 289 1.54 4.33 16.53
CA PRO A 289 1.26 4.51 17.95
C PRO A 289 -0.19 4.90 18.26
N GLU A 290 -0.58 4.74 19.52
CA GLU A 290 -1.86 5.26 19.96
C GLU A 290 -1.77 6.77 20.09
N VAL A 291 -2.92 7.43 19.95
CA VAL A 291 -3.00 8.88 20.09
C VAL A 291 -3.92 9.29 21.23
N ALA A 292 -3.34 10.01 22.20
CA ALA A 292 -4.05 10.45 23.40
C ALA A 292 -5.25 11.33 23.07
N GLY A 293 -6.43 10.87 23.43
CA GLY A 293 -7.63 11.64 23.19
C GLY A 293 -8.38 11.23 21.94
N GLY A 294 -7.76 10.41 21.10
CA GLY A 294 -8.42 9.92 19.92
C GLY A 294 -9.34 8.79 20.31
N GLU A 295 -10.41 8.60 19.56
CA GLU A 295 -11.39 7.58 19.90
C GLU A 295 -11.46 6.43 18.88
N GLY A 296 -10.35 6.15 18.20
CA GLY A 296 -10.30 5.04 17.28
C GLY A 296 -10.06 3.74 18.02
N GLU A 297 -10.61 2.65 17.50
CA GLU A 297 -10.37 1.33 18.05
C GLU A 297 -8.87 1.08 18.13
N PRO A 298 -8.32 0.98 19.35
CA PRO A 298 -6.86 0.89 19.51
C PRO A 298 -6.30 -0.32 18.77
N GLY A 299 -5.15 -0.13 18.12
CA GLY A 299 -4.54 -1.16 17.30
C GLY A 299 -5.34 -1.44 16.02
N ALA A 300 -6.07 -0.44 15.55
CA ALA A 300 -6.83 -0.61 14.32
C ALA A 300 -5.85 -0.72 13.16
N LEU A 301 -6.01 -1.76 12.35
CA LEU A 301 -5.14 -1.92 11.18
C LEU A 301 -5.67 -1.19 9.96
N MET A 302 -4.72 -0.76 9.14
CA MET A 302 -5.01 -0.18 7.84
C MET A 302 -3.90 -0.66 6.91
N GLY A 303 -4.19 -0.82 5.63
CA GLY A 303 -3.27 -1.45 4.72
C GLY A 303 -3.83 -1.75 3.36
N GLY A 304 -3.11 -2.56 2.60
CA GLY A 304 -3.48 -2.87 1.23
C GLY A 304 -3.64 -4.34 0.95
N VAL A 305 -4.37 -4.65 -0.10
CA VAL A 305 -4.41 -5.99 -0.65
C VAL A 305 -4.19 -5.87 -2.15
N THR A 306 -3.09 -6.43 -2.63
CA THR A 306 -2.81 -6.44 -4.05
C THR A 306 -3.49 -7.62 -4.68
N TYR A 307 -4.28 -7.35 -5.73
CA TYR A 307 -4.91 -8.41 -6.48
C TYR A 307 -4.96 -8.06 -7.97
N PHE A 308 -5.25 -9.07 -8.78
CA PHE A 308 -5.21 -8.89 -10.22
C PHE A 308 -6.56 -9.10 -10.87
N CYS A 309 -6.92 -8.16 -11.72
CA CYS A 309 -8.23 -8.15 -12.34
C CYS A 309 -8.12 -8.68 -13.75
N VAL A 310 -9.26 -9.10 -14.30
CA VAL A 310 -9.31 -9.55 -15.68
C VAL A 310 -10.14 -8.56 -16.50
N ASN A 311 -9.68 -8.23 -17.70
CA ASN A 311 -10.43 -7.44 -18.66
C ASN A 311 -11.76 -8.14 -18.95
N PRO A 312 -12.89 -7.40 -18.94
CA PRO A 312 -14.17 -8.03 -19.28
C PRO A 312 -14.14 -8.67 -20.68
N LYS A 313 -13.43 -8.03 -21.60
CA LYS A 313 -13.26 -8.53 -22.96
C LYS A 313 -12.18 -9.61 -23.11
N ALA A 314 -11.93 -10.40 -22.08
CA ALA A 314 -10.80 -11.35 -22.13
C ALA A 314 -11.21 -12.83 -22.22
N SER A 315 -10.24 -13.67 -22.62
CA SER A 315 -10.46 -15.10 -22.85
C SER A 315 -10.20 -15.96 -21.63
N GLN A 316 -10.41 -17.27 -21.77
CA GLN A 316 -10.24 -18.21 -20.67
C GLN A 316 -8.79 -18.32 -20.21
N THR A 317 -7.86 -18.00 -21.11
CA THR A 317 -6.44 -18.09 -20.80
C THR A 317 -6.09 -17.10 -19.68
N SER A 318 -6.67 -15.91 -19.77
CA SER A 318 -6.52 -14.89 -18.72
C SER A 318 -7.06 -15.35 -17.37
N ILE A 319 -8.11 -16.15 -17.38
CA ILE A 319 -8.69 -16.69 -16.15
C ILE A 319 -7.77 -17.71 -15.54
N ASP A 320 -7.22 -18.58 -16.38
CA ASP A 320 -6.31 -19.62 -15.91
C ASP A 320 -5.02 -19.00 -15.39
N PHE A 321 -4.68 -17.82 -15.92
CA PHE A 321 -3.48 -17.13 -15.46
C PHE A 321 -3.64 -16.63 -14.03
N VAL A 322 -4.72 -15.89 -13.76
CA VAL A 322 -4.92 -15.34 -12.42
C VAL A 322 -5.09 -16.46 -11.39
N ASN A 323 -5.82 -17.52 -11.75
CA ASN A 323 -5.92 -18.67 -10.86
C ASN A 323 -4.56 -19.31 -10.59
N TYR A 324 -3.70 -19.27 -11.60
CA TYR A 324 -2.35 -19.81 -11.47
C TYR A 324 -1.61 -19.04 -10.36
N MET A 325 -1.80 -17.72 -10.33
CA MET A 325 -1.21 -16.89 -9.28
C MET A 325 -1.53 -17.39 -7.89
N GLY A 326 -2.75 -17.86 -7.70
CA GLY A 326 -3.24 -18.23 -6.38
C GLY A 326 -2.77 -19.57 -5.89
N GLU A 327 -2.15 -20.37 -6.77
CA GLU A 327 -1.66 -21.67 -6.36
C GLU A 327 -0.52 -21.54 -5.36
N LYS A 328 -0.51 -22.43 -4.37
CA LYS A 328 0.32 -22.29 -3.19
C LYS A 328 1.80 -22.08 -3.49
N LYS A 329 2.34 -22.87 -4.40
CA LYS A 329 3.76 -22.80 -4.73
C LYS A 329 4.12 -21.44 -5.31
N ASN A 330 3.28 -20.93 -6.21
CA ASN A 330 3.49 -19.62 -6.80
C ASN A 330 3.39 -18.50 -5.77
N GLN A 331 2.57 -18.71 -4.75
CA GLN A 331 2.37 -17.70 -3.70
C GLN A 331 3.53 -17.70 -2.74
N GLU A 332 4.04 -18.90 -2.42
CA GLU A 332 5.27 -19.04 -1.64
C GLU A 332 6.45 -18.38 -2.36
N ASP A 333 6.54 -18.60 -3.66
CA ASP A 333 7.57 -17.96 -4.47
C ASP A 333 7.41 -16.44 -4.48
N TYR A 334 6.16 -15.99 -4.48
CA TYR A 334 5.82 -14.57 -4.44
C TYR A 334 6.38 -13.95 -3.16
N ALA A 335 6.16 -14.65 -2.05
CA ALA A 335 6.57 -14.20 -0.73
C ALA A 335 8.08 -14.02 -0.69
N LYS A 336 8.82 -14.95 -1.30
CA LYS A 336 10.28 -14.87 -1.26
C LYS A 336 10.78 -13.79 -2.20
N ALA A 337 10.14 -13.66 -3.36
CA ALA A 337 10.60 -12.70 -4.36
C ALA A 337 10.33 -11.25 -3.94
N PHE A 338 9.20 -11.03 -3.29
CA PHE A 338 8.78 -9.69 -2.91
C PHE A 338 9.04 -9.36 -1.44
N SER A 339 9.59 -10.33 -0.70
CA SER A 339 9.76 -10.22 0.74
C SER A 339 8.50 -9.67 1.43
N THR A 340 7.34 -10.19 1.03
CA THR A 340 6.06 -9.69 1.55
C THR A 340 5.23 -10.83 2.15
N ILE A 341 4.06 -10.48 2.69
CA ILE A 341 3.11 -11.49 3.14
C ILE A 341 2.22 -11.91 1.96
N PRO A 342 2.23 -13.21 1.62
CA PRO A 342 1.35 -13.68 0.55
C PRO A 342 -0.12 -13.72 1.00
N ALA A 343 -1.04 -13.65 0.06
CA ALA A 343 -2.47 -13.71 0.38
C ALA A 343 -2.88 -15.09 0.88
N SER A 344 -2.53 -16.11 0.10
CA SER A 344 -2.73 -17.52 0.46
C SER A 344 -2.23 -17.80 1.87
N GLU A 345 -3.15 -18.10 2.78
CA GLU A 345 -2.80 -18.41 4.18
C GLU A 345 -1.76 -19.53 4.33
N PRO A 346 -1.93 -20.66 3.62
CA PRO A 346 -0.89 -21.70 3.70
C PRO A 346 0.51 -21.27 3.24
N ALA A 347 0.59 -20.41 2.23
CA ALA A 347 1.87 -19.94 1.71
C ALA A 347 2.58 -19.04 2.69
N ARG A 348 1.83 -18.50 3.66
CA ARG A 348 2.41 -17.61 4.66
C ARG A 348 3.41 -18.35 5.56
N ALA A 349 3.36 -19.67 5.51
CA ALA A 349 4.27 -20.53 6.28
C ALA A 349 5.72 -20.20 5.96
N VAL A 350 5.98 -19.94 4.69
CA VAL A 350 7.35 -19.77 4.19
C VAL A 350 7.95 -18.40 4.51
N VAL A 351 7.25 -17.61 5.33
CA VAL A 351 7.72 -16.28 5.71
C VAL A 351 8.71 -16.29 6.88
N THR A 352 9.86 -15.65 6.68
CA THR A 352 10.94 -15.72 7.65
C THR A 352 11.33 -14.37 8.26
N ASP A 353 11.08 -13.27 7.54
CA ASP A 353 11.46 -11.94 8.04
C ASP A 353 10.77 -11.61 9.36
N GLU A 354 11.58 -11.31 10.38
CA GLU A 354 11.06 -11.07 11.73
C GLU A 354 10.02 -9.94 11.79
N SER A 355 10.28 -8.85 11.07
CA SER A 355 9.33 -7.75 11.01
C SER A 355 8.01 -8.20 10.40
N LEU A 356 8.09 -8.95 9.30
CA LEU A 356 6.89 -9.46 8.66
C LEU A 356 6.15 -10.44 9.55
N LYS A 357 6.88 -11.09 10.45
CA LYS A 357 6.27 -12.02 11.37
C LYS A 357 5.36 -11.26 12.35
N GLN A 358 5.88 -10.19 12.94
CA GLN A 358 5.10 -9.34 13.83
C GLN A 358 3.85 -8.84 13.12
N VAL A 359 4.00 -8.50 11.84
CA VAL A 359 2.88 -7.94 11.08
C VAL A 359 1.78 -8.98 10.90
N ILE A 360 2.19 -10.24 10.75
CA ILE A 360 1.24 -11.34 10.64
C ILE A 360 0.54 -11.56 11.98
N GLU A 361 1.29 -11.43 13.08
CA GLU A 361 0.70 -11.49 14.42
C GLU A 361 -0.40 -10.43 14.55
N TYR A 362 -0.07 -9.17 14.27
CA TYR A 362 -1.08 -8.11 14.28
C TYR A 362 -2.25 -8.39 13.32
N LEU A 363 -1.95 -9.04 12.21
CA LEU A 363 -2.97 -9.37 11.23
C LEU A 363 -3.92 -10.45 11.74
N ASP A 364 -3.37 -11.51 12.30
CA ASP A 364 -4.16 -12.64 12.75
C ASP A 364 -4.97 -12.37 14.02
N LYS A 365 -5.01 -11.12 14.46
CA LYS A 365 -5.83 -10.78 15.62
C LYS A 365 -6.54 -9.44 15.49
N ALA A 366 -6.54 -8.86 14.29
CA ALA A 366 -7.26 -7.63 14.05
C ALA A 366 -8.71 -7.97 13.78
N PRO A 367 -9.64 -7.12 14.22
CA PRO A 367 -11.06 -7.31 13.93
C PRO A 367 -11.38 -6.96 12.48
N SER A 368 -10.52 -6.12 11.90
CA SER A 368 -10.71 -5.60 10.55
C SER A 368 -9.43 -4.95 10.04
N MET A 369 -9.43 -4.63 8.75
CA MET A 369 -8.41 -3.75 8.19
C MET A 369 -9.09 -2.77 7.24
N GLN A 370 -8.91 -1.48 7.50
CA GLN A 370 -9.29 -0.45 6.54
C GLN A 370 -8.28 -0.45 5.38
N LEU A 371 -8.79 -0.29 4.16
CA LEU A 371 -7.94 -0.06 3.01
C LEU A 371 -7.28 1.30 3.14
N TRP A 372 -6.22 1.55 2.37
CA TRP A 372 -5.64 2.89 2.32
C TRP A 372 -6.78 3.89 2.11
N MET A 373 -6.68 5.03 2.81
CA MET A 373 -7.74 6.03 2.79
C MET A 373 -7.96 6.57 1.38
N ASP A 374 -6.89 6.91 0.67
CA ASP A 374 -7.11 7.49 -0.67
C ASP A 374 -7.74 6.48 -1.60
N THR A 375 -7.36 5.23 -1.41
CA THR A 375 -7.94 4.10 -2.12
C THR A 375 -9.45 3.92 -1.75
N ALA A 376 -9.76 4.08 -0.46
CA ALA A 376 -11.12 3.92 0.03
C ALA A 376 -12.04 5.03 -0.52
N LEU A 377 -11.52 6.24 -0.57
CA LEU A 377 -12.27 7.42 -1.01
C LEU A 377 -12.37 7.61 -2.53
N GLY A 378 -11.45 7.00 -3.28
CA GLY A 378 -11.49 7.06 -4.74
C GLY A 378 -10.55 8.10 -5.32
N THR A 379 -10.63 8.30 -6.63
CA THR A 379 -9.64 9.10 -7.35
C THR A 379 -9.68 10.59 -7.02
N ASN A 380 -10.82 11.22 -7.24
CA ASN A 380 -11.00 12.65 -6.96
C ASN A 380 -10.65 13.00 -5.53
N ILE A 381 -11.28 12.29 -4.61
CA ILE A 381 -11.17 12.65 -3.21
C ILE A 381 -9.82 12.25 -2.69
N GLY A 382 -9.36 11.07 -3.09
CA GLY A 382 -8.01 10.63 -2.76
C GLY A 382 -6.94 11.60 -3.24
N ASN A 383 -7.03 12.03 -4.49
CA ASN A 383 -5.98 12.90 -5.05
C ASN A 383 -6.00 14.27 -4.40
N ALA A 384 -7.21 14.81 -4.20
CA ALA A 384 -7.39 16.12 -3.59
C ALA A 384 -6.89 16.09 -2.16
N LEU A 385 -7.14 14.98 -1.47
CA LEU A 385 -6.63 14.80 -0.13
C LEU A 385 -5.08 14.77 -0.07
N ASN A 386 -4.47 13.94 -0.89
CA ASN A 386 -3.01 13.81 -0.89
C ASN A 386 -2.29 15.12 -1.19
N ALA A 387 -2.77 15.82 -2.21
CA ALA A 387 -2.25 17.13 -2.58
C ALA A 387 -2.39 18.13 -1.44
N ALA A 388 -3.54 18.11 -0.77
CA ALA A 388 -3.83 19.05 0.29
C ALA A 388 -2.89 18.86 1.44
N VAL A 389 -2.64 17.60 1.82
CA VAL A 389 -1.72 17.30 2.89
C VAL A 389 -0.33 17.79 2.55
N VAL A 390 0.06 17.61 1.28
CA VAL A 390 1.40 18.00 0.87
C VAL A 390 1.49 19.52 0.94
N ASN A 391 0.39 20.19 0.59
CA ASN A 391 0.32 21.64 0.67
C ASN A 391 0.45 22.22 2.06
N MET A 392 -0.17 21.56 3.03
CA MET A 392 -0.04 22.01 4.39
C MET A 392 1.40 21.82 4.86
N LEU A 393 1.99 20.67 4.50
CA LEU A 393 3.35 20.35 4.89
C LEU A 393 4.35 21.35 4.32
N SER A 394 4.05 21.85 3.12
CA SER A 394 4.93 22.83 2.49
C SER A 394 4.59 24.26 2.90
N GLY A 395 3.78 24.39 3.94
CA GLY A 395 3.41 25.68 4.47
C GLY A 395 2.48 26.49 3.58
N GLN A 396 1.75 25.81 2.69
CA GLN A 396 0.74 26.50 1.90
C GLN A 396 -0.66 25.91 2.06
N GLY A 397 -1.02 25.56 3.30
CA GLY A 397 -2.29 24.95 3.57
C GLY A 397 -2.50 24.74 5.06
N SER A 398 -3.74 24.46 5.45
CA SER A 398 -4.05 24.28 6.87
C SER A 398 -4.70 22.93 7.05
N PRO A 399 -4.84 22.46 8.30
CA PRO A 399 -5.68 21.29 8.55
C PRO A 399 -7.12 21.49 8.03
N GLU A 400 -7.60 22.73 8.10
CA GLU A 400 -8.94 23.05 7.62
C GLU A 400 -9.01 22.93 6.10
N ASP A 401 -7.91 23.28 5.43
CA ASP A 401 -7.87 23.22 3.97
C ASP A 401 -7.86 21.78 3.44
N ILE A 402 -7.30 20.86 4.21
CA ILE A 402 -7.35 19.44 3.85
C ILE A 402 -8.81 18.97 3.80
N VAL A 403 -9.57 19.30 4.85
CA VAL A 403 -11.01 19.04 4.88
C VAL A 403 -11.74 19.70 3.70
N LYS A 404 -11.57 21.01 3.54
CA LYS A 404 -12.13 21.75 2.41
C LYS A 404 -11.94 21.01 1.10
N ALA A 405 -10.70 20.58 0.83
CA ALA A 405 -10.36 19.96 -0.44
C ALA A 405 -11.12 18.68 -0.70
N MET A 406 -11.21 17.81 0.30
CA MET A 406 -11.99 16.58 0.19
C MET A 406 -13.45 16.90 -0.10
N GLN A 407 -13.98 17.90 0.60
CA GLN A 407 -15.40 18.26 0.48
C GLN A 407 -15.67 18.75 -0.93
N ASP A 408 -14.75 19.53 -1.46
CA ASP A 408 -14.95 20.14 -2.75
C ASP A 408 -14.98 19.06 -3.82
N ALA A 409 -14.07 18.10 -3.72
CA ALA A 409 -13.96 17.03 -4.72
C ALA A 409 -15.11 16.04 -4.56
N ALA A 410 -15.51 15.81 -3.32
CA ALA A 410 -16.70 14.97 -3.04
C ALA A 410 -17.98 15.44 -3.78
N GLN A 411 -18.04 16.72 -4.14
CA GLN A 411 -19.19 17.25 -4.85
C GLN A 411 -19.44 16.60 -6.19
N LYS A 412 -18.35 16.15 -6.82
CA LYS A 412 -18.42 15.56 -8.15
C LYS A 412 -19.02 14.15 -8.13
N GLY A 413 -19.05 13.55 -6.95
CA GLY A 413 -19.49 12.18 -6.79
C GLY A 413 -18.47 11.27 -6.12
O1 XYP B . 11.91 -7.97 -3.79
C1 XYP B . 11.66 -6.71 -4.30
C2 XYP B . 11.41 -6.77 -5.77
C3 XYP B . 10.66 -5.71 -6.56
C4 XYP B . 9.46 -5.31 -5.73
C5 XYP B . 9.85 -5.15 -4.28
O2 XYP B . 12.61 -7.13 -6.41
O3 XYP B . 10.16 -6.18 -7.76
O4 XYP B . 8.88 -4.17 -6.29
O5 XYP B . 10.56 -6.14 -3.67
C1 XYP B . 8.09 -3.46 -5.34
C2 XYP B . 7.70 -2.14 -5.91
C3 XYP B . 6.62 -1.26 -5.26
C4 XYP B . 5.44 -2.16 -4.91
C5 XYP B . 5.81 -3.59 -4.59
O2 XYP B . 8.81 -1.42 -6.30
O3 XYP B . 6.26 -0.24 -6.12
O4 XYP B . 4.77 -1.68 -3.78
O5 XYP B . 6.97 -4.20 -5.02
C1 XYP B . 3.81 -0.70 -4.15
C2 XYP B . 2.44 -1.29 -4.04
C3 XYP B . 1.19 -0.45 -4.13
C4 XYP B . 1.37 0.73 -3.22
C5 XYP B . 2.80 1.25 -3.20
O2 XYP B . 2.28 -2.47 -4.77
O3 XYP B . 0.09 -1.22 -3.83
O4 XYP B . 0.56 1.73 -3.72
O5 XYP B . 3.91 0.46 -3.39
C1 XYP B . 0.21 2.70 -2.74
C2 XYP B . -0.68 3.70 -3.40
C3 XYP B . -1.30 4.89 -2.65
C4 XYP B . -1.88 4.31 -1.38
C5 XYP B . -0.99 3.23 -0.78
O2 XYP B . -0.13 4.07 -4.61
O3 XYP B . -2.24 5.57 -3.37
O4 XYP B . -2.00 5.35 -0.49
O5 XYP B . -0.39 2.26 -1.55
O22 P33 C . 8.43 16.01 -11.89
C21 P33 C . 8.79 17.31 -12.19
C20 P33 C . 9.13 18.03 -10.93
O19 P33 C . 10.42 17.71 -10.59
C18 P33 C . 11.12 18.50 -9.71
C17 P33 C . 11.12 17.83 -8.39
O16 P33 C . 12.39 17.34 -8.16
C15 P33 C . 12.78 16.17 -8.78
C14 P33 C . 12.67 15.01 -7.84
O13 P33 C . 13.00 13.85 -8.52
C12 P33 C . 12.44 13.54 -9.74
C11 P33 C . 11.41 12.46 -9.57
O10 P33 C . 11.26 11.67 -10.70
C9 P33 C . 12.16 10.65 -11.01
C8 P33 C . 12.91 10.21 -9.77
O7 P33 C . 13.57 9.03 -10.02
C6 P33 C . 14.85 8.85 -9.53
C5 P33 C . 15.57 7.91 -10.45
O4 P33 C . 15.33 6.62 -10.01
C3 P33 C . 15.44 5.52 -10.85
C2 P33 C . 16.01 4.38 -10.07
O1 P33 C . 17.39 4.54 -9.89
#